data_9DE6
#
_entry.id   9DE6
#
_cell.length_a   61.253
_cell.length_b   41.982
_cell.length_c   68.570
_cell.angle_alpha   90.000
_cell.angle_beta   93.440
_cell.angle_gamma   90.000
#
_symmetry.space_group_name_H-M   'P 1 21 1'
#
loop_
_entity.id
_entity.type
_entity.pdbx_description
1 polymer 'RNA (57-MER)'
2 non-polymer 'MAGNESIUM ION'
3 water water
#
_entity_poly.entity_id   1
_entity_poly.type   'polyribonucleotide'
_entity_poly.pdbx_seq_one_letter_code
;(GTP)GUCUCUCUGGUUAGACCAGAUCUGAGCCGAAAAGCUCUCUGGCUAACUAGGGAACC
;
_entity_poly.pdbx_strand_id   A,B
#
loop_
_chem_comp.id
_chem_comp.type
_chem_comp.name
_chem_comp.formula
A RNA linking ADENOSINE-5'-MONOPHOSPHATE 'C10 H14 N5 O7 P'
C RNA linking CYTIDINE-5'-MONOPHOSPHATE 'C9 H14 N3 O8 P'
G RNA linking GUANOSINE-5'-MONOPHOSPHATE 'C10 H14 N5 O8 P'
GTP non-polymer GUANOSINE-5'-TRIPHOSPHATE 'C10 H16 N5 O14 P3'
MG non-polymer 'MAGNESIUM ION' 'Mg 2'
U RNA linking URIDINE-5'-MONOPHOSPHATE 'C9 H13 N2 O9 P'
#
# COMPACT_ATOMS: atom_id res chain seq x y z
PG GTP A 1 -1.28 5.79 -4.53
O1G GTP A 1 -1.15 4.81 -3.39
O2G GTP A 1 -1.93 5.19 -5.75
O3G GTP A 1 -1.93 7.08 -4.12
O3B GTP A 1 0.23 6.18 -4.95
PB GTP A 1 1.15 5.99 -6.24
O1B GTP A 1 2.43 6.72 -6.05
O2B GTP A 1 0.33 6.23 -7.47
O3A GTP A 1 1.49 4.42 -6.16
PA GTP A 1 0.75 3.07 -6.56
O1A GTP A 1 -0.53 2.96 -5.82
O2A GTP A 1 0.73 2.97 -8.05
O5' GTP A 1 1.77 1.98 -5.98
C5' GTP A 1 3.18 2.12 -6.29
C4' GTP A 1 3.93 0.99 -5.65
O4' GTP A 1 3.84 1.09 -4.20
C3' GTP A 1 3.42 -0.41 -5.97
O3' GTP A 1 4.00 -0.91 -7.16
C2' GTP A 1 3.84 -1.21 -4.74
O2' GTP A 1 5.21 -1.56 -4.79
C1' GTP A 1 3.58 -0.18 -3.63
N9 GTP A 1 2.22 -0.19 -3.11
C8 GTP A 1 1.32 0.85 -3.18
N7 GTP A 1 0.17 0.56 -2.62
C5 GTP A 1 0.32 -0.75 -2.17
C6 GTP A 1 -0.60 -1.59 -1.50
O6 GTP A 1 -1.77 -1.33 -1.16
N1 GTP A 1 -0.05 -2.84 -1.22
C2 GTP A 1 1.23 -3.22 -1.55
N2 GTP A 1 1.59 -4.47 -1.20
N3 GTP A 1 2.10 -2.44 -2.19
C4 GTP A 1 1.58 -1.22 -2.47
PG GTP B 1 -5.93 -0.04 5.32
O1G GTP B 1 -6.96 1.04 5.47
O2G GTP B 1 -6.05 -1.10 6.38
O3G GTP B 1 -5.88 -0.61 3.92
O3B GTP B 1 -4.51 0.67 5.55
PB GTP B 1 -3.29 0.50 6.58
O1B GTP B 1 -2.23 1.51 6.25
O2B GTP B 1 -3.82 0.41 7.97
O3A GTP B 1 -2.70 -0.93 6.15
PA GTP B 1 -3.04 -2.47 6.39
O1A GTP B 1 -2.98 -2.75 7.85
O2A GTP B 1 -4.27 -2.85 5.63
O5' GTP B 1 -1.77 -3.12 5.68
C5' GTP B 1 -1.49 -4.53 5.80
C4' GTP B 1 -0.27 -4.85 4.98
O4' GTP B 1 -0.59 -4.61 3.57
C3' GTP B 1 0.97 -3.99 5.26
O3' GTP B 1 1.76 -4.56 6.29
C2' GTP B 1 1.67 -3.99 3.89
O2' GTP B 1 2.39 -5.18 3.66
C1' GTP B 1 0.48 -3.92 2.94
N9 GTP B 1 0.01 -2.57 2.63
C8 GTP B 1 -1.22 -2.05 2.94
N7 GTP B 1 -1.38 -0.81 2.54
C5 GTP B 1 -0.18 -0.50 1.92
C6 GTP B 1 0.22 0.71 1.29
O6 GTP B 1 -0.42 1.76 1.17
N1 GTP B 1 1.52 0.61 0.79
C2 GTP B 1 2.32 -0.50 0.88
N2 GTP B 1 3.53 -0.41 0.33
N3 GTP B 1 1.95 -1.64 1.46
C4 GTP B 1 0.69 -1.57 1.97
MG MG C . -9.84 -6.25 -12.77
MG MG D . 10.16 11.91 19.19
#